data_1XRC
#
_entry.id   1XRC
#
_cell.length_a   128.900
_cell.length_b   128.900
_cell.length_c   139.800
_cell.angle_alpha   90.00
_cell.angle_beta   90.00
_cell.angle_gamma   120.00
#
_symmetry.space_group_name_H-M   'P 62 2 2'
#
loop_
_entity.id
_entity.type
_entity.pdbx_description
1 polymer 'S-ADENOSYLMETHIONINE SYNTHETASE'
2 non-polymer 'PHOSPHATE ION'
3 non-polymer 'COBALT (II) ION'
4 non-polymer 'POTASSIUM ION'
#
_entity_poly.entity_id   1
_entity_poly.type   'polypeptide(L)'
_entity_poly.pdbx_seq_one_letter_code
;AKHLFTSESVSEGHPDKIADQISDAVLDAILEQDPKARVACETYVKTGMVLVGGEITTSAWVDIEEITRNTVREIGYVHS
DMGFDANSCAVLSAIGKQSPDINQGVDRADPLEQGAGDQGLMFGYATNETDVLMPAPITYAHRLVQRQAEVRKNGTLPWL
RPDAKSQVTFQYDDGKIVGIDAVVLSTQHSEEIDQKSLQEAVMEEIIKPILPAEWLTSATKFFINPTGRFVIGGPMGDCG
LTGRKIIVDTYGGMARHGGGAFSGKDPSKVDRSAAYAARYVAKNIVAAGLADRCEIQVSYAIGVAEPTSIMVETFGTEKV
PSEQLTLLVREFFDLRPYGLIQMLDLLHPIYKETAAYGHFGREHFPWEKTDKAQLLRDAAGLK
;
_entity_poly.pdbx_strand_id   A
#
# COMPACT_ATOMS: atom_id res chain seq x y z
N ALA A 1 -29.50 1.42 -4.40
CA ALA A 1 -29.85 0.48 -3.39
C ALA A 1 -28.73 0.62 -2.37
N LYS A 2 -29.20 0.64 -1.12
CA LYS A 2 -28.33 0.61 0.05
C LYS A 2 -27.51 -0.67 0.03
N HIS A 3 -26.35 -0.60 0.66
CA HIS A 3 -25.50 -1.73 1.00
C HIS A 3 -24.28 -1.06 1.61
N LEU A 4 -23.56 -1.78 2.46
CA LEU A 4 -22.44 -1.16 3.08
C LEU A 4 -21.20 -1.96 2.79
N PHE A 5 -20.05 -1.33 2.95
CA PHE A 5 -18.80 -1.95 2.64
C PHE A 5 -17.76 -1.39 3.59
N THR A 6 -16.82 -2.23 3.95
CA THR A 6 -15.88 -1.85 4.95
C THR A 6 -14.47 -2.10 4.42
N SER A 7 -13.52 -1.32 4.94
CA SER A 7 -12.13 -1.50 4.64
C SER A 7 -11.35 -1.17 5.90
N GLU A 8 -10.11 -1.63 6.11
CA GLU A 8 -9.36 -1.56 7.38
C GLU A 8 -8.05 -0.83 7.00
N SER A 9 -7.32 -0.13 7.88
CA SER A 9 -5.93 0.23 7.67
C SER A 9 -5.20 0.13 9.00
N VAL A 10 -3.88 0.20 8.98
CA VAL A 10 -3.11 0.07 10.20
C VAL A 10 -2.02 1.08 10.03
N SER A 11 -1.49 1.58 11.13
CA SER A 11 -0.40 2.54 11.09
C SER A 11 0.93 1.88 10.80
N GLU A 12 1.92 2.74 10.56
CA GLU A 12 3.34 2.41 10.62
C GLU A 12 3.49 1.88 12.02
N GLY A 13 4.29 0.88 12.18
CA GLY A 13 4.36 0.37 13.54
C GLY A 13 3.27 -0.58 14.01
N HIS A 14 2.18 -0.85 13.30
CA HIS A 14 1.54 -2.15 13.46
C HIS A 14 2.57 -3.24 13.09
N PRO A 15 2.86 -4.33 13.77
CA PRO A 15 3.95 -5.27 13.47
C PRO A 15 4.13 -5.73 12.05
N ASP A 16 3.07 -6.09 11.27
CA ASP A 16 3.30 -6.47 9.88
C ASP A 16 3.84 -5.27 9.12
N LYS A 17 3.35 -4.04 9.37
CA LYS A 17 3.91 -2.92 8.69
C LYS A 17 5.31 -2.59 9.12
N ILE A 18 5.74 -3.01 10.29
CA ILE A 18 7.09 -2.70 10.72
C ILE A 18 7.97 -3.54 9.82
N ALA A 19 7.50 -4.77 9.63
CA ALA A 19 8.18 -5.65 8.73
C ALA A 19 8.20 -5.09 7.33
N ASP A 20 7.08 -4.59 6.81
CA ASP A 20 7.01 -4.09 5.43
C ASP A 20 8.01 -2.96 5.19
N GLN A 21 8.00 -2.00 6.11
CA GLN A 21 8.92 -0.90 6.10
C GLN A 21 10.35 -1.35 6.23
N ILE A 22 10.77 -2.15 7.19
CA ILE A 22 12.14 -2.66 7.17
C ILE A 22 12.58 -3.29 5.84
N SER A 23 11.77 -4.18 5.23
CA SER A 23 12.16 -4.84 4.00
C SER A 23 12.46 -3.81 2.97
N ASP A 24 11.48 -2.91 2.80
CA ASP A 24 11.62 -1.88 1.80
C ASP A 24 12.75 -0.94 2.11
N ALA A 25 13.11 -0.80 3.38
CA ALA A 25 14.23 0.05 3.70
C ALA A 25 15.52 -0.55 3.16
N VAL A 26 15.69 -1.86 3.25
CA VAL A 26 16.79 -2.58 2.65
C VAL A 26 16.63 -2.49 1.13
N LEU A 27 15.45 -2.51 0.52
CA LEU A 27 15.33 -2.48 -0.93
C LEU A 27 15.83 -1.16 -1.39
N ASP A 28 15.44 -0.09 -0.74
CA ASP A 28 15.87 1.20 -1.16
C ASP A 28 17.37 1.28 -0.99
N ALA A 29 17.87 0.81 0.14
CA ALA A 29 19.28 0.99 0.45
C ALA A 29 20.22 0.39 -0.57
N ILE A 30 19.78 -0.70 -1.21
CA ILE A 30 20.58 -1.36 -2.21
C ILE A 30 20.26 -0.57 -3.44
N LEU A 31 19.04 -0.32 -3.84
CA LEU A 31 18.75 0.44 -5.02
C LEU A 31 19.45 1.76 -5.12
N GLU A 32 19.85 2.32 -4.00
CA GLU A 32 20.61 3.56 -3.99
C GLU A 32 21.98 3.39 -4.57
N GLN A 33 22.59 2.29 -4.22
CA GLN A 33 23.87 1.93 -4.73
C GLN A 33 23.81 1.12 -6.03
N ASP A 34 22.75 0.42 -6.40
CA ASP A 34 22.80 -0.51 -7.52
C ASP A 34 21.36 -0.63 -7.95
N PRO A 35 20.89 0.22 -8.81
CA PRO A 35 19.51 0.24 -9.20
C PRO A 35 19.03 -1.01 -9.91
N LYS A 36 19.94 -1.86 -10.38
CA LYS A 36 19.54 -3.09 -11.05
C LYS A 36 19.64 -4.38 -10.19
N ALA A 37 20.04 -4.25 -8.92
CA ALA A 37 19.98 -5.33 -7.96
C ALA A 37 18.65 -6.03 -8.02
N ARG A 38 18.78 -7.34 -7.94
CA ARG A 38 17.62 -8.14 -7.75
C ARG A 38 17.53 -8.23 -6.23
N VAL A 39 16.39 -7.94 -5.58
CA VAL A 39 16.25 -8.23 -4.17
C VAL A 39 14.91 -8.82 -3.86
N ALA A 40 14.85 -9.85 -3.02
CA ALA A 40 13.61 -10.30 -2.37
C ALA A 40 13.98 -10.41 -0.91
N CYS A 41 13.39 -9.69 0.06
CA CYS A 41 13.88 -9.59 1.43
C CYS A 41 12.70 -9.68 2.42
N GLU A 42 12.34 -10.87 2.91
CA GLU A 42 11.19 -11.06 3.74
C GLU A 42 11.64 -10.88 5.18
N THR A 43 11.04 -9.94 5.90
CA THR A 43 11.22 -9.77 7.34
C THR A 43 10.17 -10.40 8.29
N TYR A 44 10.64 -10.73 9.48
CA TYR A 44 9.81 -11.30 10.46
C TYR A 44 10.19 -10.63 11.76
N VAL A 45 9.23 -10.17 12.55
CA VAL A 45 9.52 -9.44 13.76
C VAL A 45 8.53 -9.97 14.78
N LYS A 46 9.05 -10.06 16.01
CA LYS A 46 8.53 -10.85 17.13
C LYS A 46 9.19 -10.28 18.36
N THR A 47 8.86 -10.66 19.58
CA THR A 47 9.03 -9.72 20.67
C THR A 47 10.46 -9.23 20.93
N GLY A 48 11.45 -10.07 20.73
CA GLY A 48 12.77 -9.52 20.95
C GLY A 48 13.43 -9.06 19.65
N MET A 49 12.79 -9.15 18.49
CA MET A 49 13.52 -9.82 17.44
C MET A 49 13.13 -9.34 16.09
N VAL A 50 14.10 -9.09 15.22
CA VAL A 50 13.80 -8.81 13.84
C VAL A 50 14.67 -9.84 13.15
N LEU A 51 14.16 -10.70 12.28
CA LEU A 51 14.95 -11.63 11.48
C LEU A 51 14.71 -11.06 10.10
N VAL A 52 15.74 -10.68 9.35
CA VAL A 52 15.53 -10.15 8.02
C VAL A 52 16.33 -11.14 7.24
N GLY A 53 15.65 -11.75 6.32
CA GLY A 53 16.21 -12.83 5.56
C GLY A 53 15.80 -12.60 4.13
N GLY A 54 16.71 -13.00 3.26
CA GLY A 54 16.63 -12.59 1.89
C GLY A 54 17.42 -13.47 0.99
N GLU A 55 17.16 -13.42 -0.32
CA GLU A 55 18.19 -13.63 -1.32
C GLU A 55 18.40 -12.33 -2.16
N ILE A 56 19.60 -11.75 -2.20
CA ILE A 56 19.93 -10.43 -2.76
C ILE A 56 20.93 -10.66 -3.89
N THR A 57 20.94 -10.00 -5.03
CA THR A 57 22.02 -10.23 -5.96
C THR A 57 22.53 -8.93 -6.48
N THR A 58 23.67 -8.50 -5.96
CA THR A 58 24.11 -7.12 -6.09
C THR A 58 25.59 -7.05 -5.77
N SER A 59 26.12 -5.91 -6.28
CA SER A 59 27.36 -5.29 -5.82
C SER A 59 27.27 -4.90 -4.34
N ALA A 60 26.22 -4.12 -4.03
CA ALA A 60 26.09 -3.30 -2.84
C ALA A 60 26.46 -3.96 -1.54
N TRP A 61 27.00 -3.15 -0.69
CA TRP A 61 27.29 -3.57 0.64
C TRP A 61 26.50 -2.58 1.44
N VAL A 62 25.75 -3.16 2.37
CA VAL A 62 24.75 -2.42 3.09
C VAL A 62 24.69 -3.03 4.49
N ASP A 63 24.35 -2.25 5.50
CA ASP A 63 24.34 -2.75 6.85
C ASP A 63 22.90 -3.00 7.31
N ILE A 64 22.47 -4.23 7.07
CA ILE A 64 21.18 -4.68 7.55
C ILE A 64 20.87 -4.25 9.01
N GLU A 65 21.78 -4.32 9.97
CA GLU A 65 21.44 -4.09 11.35
C GLU A 65 20.99 -2.66 11.52
N GLU A 66 21.84 -1.80 10.93
CA GLU A 66 21.80 -0.39 11.15
C GLU A 66 20.55 0.03 10.46
N ILE A 67 20.38 -0.33 9.18
CA ILE A 67 19.10 -0.10 8.52
C ILE A 67 17.88 -0.48 9.35
N THR A 68 17.79 -1.74 9.82
CA THR A 68 16.71 -2.21 10.69
C THR A 68 16.45 -1.27 11.87
N ARG A 69 17.52 -0.97 12.61
CA ARG A 69 17.32 -0.27 13.85
C ARG A 69 16.85 1.11 13.54
N ASN A 70 17.35 1.71 12.46
CA ASN A 70 16.95 3.08 12.22
C ASN A 70 15.47 3.09 11.92
N THR A 71 15.00 2.12 11.13
CA THR A 71 13.62 2.11 10.73
C THR A 71 12.74 1.94 11.95
N VAL A 72 13.18 1.11 12.91
CA VAL A 72 12.38 0.86 14.12
C VAL A 72 12.28 2.10 15.01
N ARG A 73 13.38 2.84 15.03
CA ARG A 73 13.41 4.13 15.69
C ARG A 73 12.56 5.12 14.93
N GLU A 74 12.45 5.23 13.61
CA GLU A 74 11.61 6.24 12.96
C GLU A 74 10.17 6.09 13.33
N ILE A 75 9.75 4.83 13.37
CA ILE A 75 8.42 4.48 13.76
C ILE A 75 8.22 4.85 15.22
N GLY A 76 9.27 4.73 16.01
CA GLY A 76 9.27 5.30 17.36
C GLY A 76 9.29 4.30 18.50
N TYR A 77 9.68 3.03 18.28
CA TYR A 77 9.69 2.05 19.33
C TYR A 77 11.08 2.08 19.90
N VAL A 78 11.19 2.65 21.08
CA VAL A 78 12.45 3.19 21.53
C VAL A 78 12.64 3.01 23.05
N HIS A 79 11.97 2.04 23.69
CA HIS A 79 11.99 1.89 25.13
C HIS A 79 11.20 0.67 25.52
N SER A 80 11.69 -0.10 26.48
CA SER A 80 11.08 -1.39 26.78
C SER A 80 9.60 -1.33 27.16
N ASP A 81 9.19 -0.29 27.87
CA ASP A 81 7.80 -0.08 28.24
C ASP A 81 6.82 0.18 27.11
N MET A 82 7.31 0.56 25.92
CA MET A 82 6.46 0.48 24.75
C MET A 82 6.18 -0.94 24.31
N GLY A 83 7.09 -1.85 24.59
CA GLY A 83 6.97 -3.20 24.11
C GLY A 83 8.15 -3.61 23.25
N PHE A 84 8.96 -2.68 22.70
CA PHE A 84 10.00 -3.01 21.77
C PHE A 84 10.96 -1.85 21.73
N ASP A 85 12.27 -2.07 21.80
CA ASP A 85 13.26 -0.99 21.65
C ASP A 85 14.19 -1.17 20.46
N ALA A 86 14.21 -0.15 19.62
CA ALA A 86 14.99 -0.16 18.41
C ALA A 86 16.48 -0.27 18.71
N ASN A 87 16.93 0.28 19.83
CA ASN A 87 18.36 0.40 20.12
C ASN A 87 18.85 -0.86 20.79
N SER A 88 18.00 -1.76 21.24
CA SER A 88 18.43 -2.98 21.91
C SER A 88 17.77 -4.27 21.50
N CYS A 89 16.80 -4.27 20.57
CA CYS A 89 16.26 -5.53 20.12
C CYS A 89 17.31 -6.27 19.32
N ALA A 90 17.10 -7.54 18.96
CA ALA A 90 18.15 -8.28 18.28
C ALA A 90 17.77 -8.26 16.81
N VAL A 91 18.76 -8.10 15.95
CA VAL A 91 18.42 -8.13 14.55
C VAL A 91 19.23 -9.33 14.12
N LEU A 92 18.63 -10.40 13.61
CA LEU A 92 19.36 -11.51 13.07
C LEU A 92 19.20 -11.32 11.57
N SER A 93 20.19 -11.62 10.74
CA SER A 93 19.86 -11.76 9.32
C SER A 93 20.36 -12.99 8.61
N ALA A 94 19.64 -13.34 7.55
CA ALA A 94 19.94 -14.54 6.80
C ALA A 94 19.79 -14.23 5.33
N ILE A 95 20.70 -13.41 4.82
CA ILE A 95 20.60 -12.97 3.45
C ILE A 95 21.62 -13.68 2.62
N GLY A 96 21.22 -14.50 1.67
CA GLY A 96 22.18 -15.11 0.78
C GLY A 96 22.48 -14.10 -0.32
N LYS A 97 23.74 -13.83 -0.58
CA LYS A 97 24.15 -12.85 -1.57
C LYS A 97 24.66 -13.68 -2.73
N GLN A 98 24.23 -13.26 -3.91
CA GLN A 98 24.71 -13.79 -5.16
C GLN A 98 25.39 -12.56 -5.77
N SER A 99 26.64 -12.69 -6.22
CA SER A 99 27.29 -11.59 -6.89
C SER A 99 26.90 -11.78 -8.34
N PRO A 100 26.56 -10.71 -9.08
CA PRO A 100 26.00 -10.80 -10.44
C PRO A 100 26.97 -11.47 -11.38
N ASP A 101 26.42 -12.55 -11.92
CA ASP A 101 27.02 -13.41 -12.92
C ASP A 101 26.78 -12.72 -14.28
N ARG A 108 17.91 -11.49 -24.17
CA ARG A 108 17.66 -11.76 -25.56
C ARG A 108 18.04 -10.50 -26.34
N ALA A 109 17.80 -10.31 -27.64
CA ALA A 109 18.38 -9.20 -28.39
C ALA A 109 17.92 -7.83 -27.90
N ASP A 110 16.58 -7.70 -27.74
CA ASP A 110 15.92 -6.48 -27.31
C ASP A 110 15.59 -6.78 -25.89
N PRO A 111 16.23 -6.15 -24.91
CA PRO A 111 15.94 -6.31 -23.53
C PRO A 111 14.47 -6.19 -23.26
N LEU A 112 13.68 -5.35 -23.92
CA LEU A 112 12.25 -5.31 -23.65
C LEU A 112 11.54 -6.61 -23.88
N GLU A 113 12.16 -7.48 -24.64
CA GLU A 113 11.56 -8.76 -24.83
C GLU A 113 11.91 -9.75 -23.74
N GLN A 114 12.62 -9.44 -22.66
CA GLN A 114 12.86 -10.47 -21.64
C GLN A 114 11.55 -10.74 -20.97
N GLY A 115 11.43 -12.06 -20.84
CA GLY A 115 10.29 -12.71 -20.22
C GLY A 115 10.17 -12.51 -18.71
N ALA A 116 8.92 -12.76 -18.29
CA ALA A 116 8.52 -12.78 -16.91
C ALA A 116 9.42 -13.62 -16.04
N GLY A 117 9.76 -13.00 -14.93
CA GLY A 117 10.51 -13.62 -13.86
C GLY A 117 9.81 -14.83 -13.27
N ASP A 118 8.51 -14.71 -12.99
CA ASP A 118 7.70 -15.80 -12.43
C ASP A 118 6.30 -15.63 -12.94
N GLN A 119 5.40 -16.57 -12.72
CA GLN A 119 4.02 -16.40 -13.06
C GLN A 119 3.29 -15.51 -12.06
N GLY A 120 2.02 -15.24 -12.38
CA GLY A 120 1.20 -14.50 -11.46
C GLY A 120 0.01 -13.87 -12.13
N LEU A 121 -1.05 -13.62 -11.34
CA LEU A 121 -2.12 -12.69 -11.69
C LEU A 121 -2.00 -11.49 -10.76
N MET A 122 -2.33 -10.31 -11.30
CA MET A 122 -2.35 -9.07 -10.56
C MET A 122 -3.45 -8.13 -11.06
N PHE A 123 -3.95 -7.23 -10.19
CA PHE A 123 -5.15 -6.45 -10.41
C PHE A 123 -4.89 -5.00 -10.07
N GLY A 124 -5.58 -4.18 -10.82
CA GLY A 124 -5.56 -2.74 -10.55
C GLY A 124 -6.98 -2.19 -10.65
N TYR A 125 -7.25 -1.12 -9.94
CA TYR A 125 -8.54 -0.49 -9.94
C TYR A 125 -8.35 1.03 -10.00
N ALA A 126 -9.31 1.66 -10.62
CA ALA A 126 -9.66 2.98 -10.16
C ALA A 126 -11.18 3.15 -10.19
N THR A 127 -11.66 4.20 -9.52
CA THR A 127 -13.04 4.55 -9.58
C THR A 127 -13.02 6.02 -9.36
N ASN A 128 -13.94 6.73 -9.96
CA ASN A 128 -14.01 8.16 -9.74
C ASN A 128 -14.66 8.54 -8.42
N GLU A 129 -14.78 7.64 -7.44
CA GLU A 129 -15.41 8.00 -6.19
C GLU A 129 -14.50 8.94 -5.41
N THR A 130 -13.25 9.26 -5.78
CA THR A 130 -12.40 10.03 -4.90
C THR A 130 -11.59 10.96 -5.77
N ASP A 131 -11.21 12.03 -5.13
CA ASP A 131 -10.20 12.97 -5.61
C ASP A 131 -9.00 12.17 -6.12
N VAL A 132 -8.49 11.18 -5.39
CA VAL A 132 -7.35 10.40 -5.85
C VAL A 132 -7.73 9.21 -6.72
N LEU A 133 -8.98 9.17 -7.17
CA LEU A 133 -9.46 8.03 -7.94
C LEU A 133 -9.36 6.66 -7.24
N MET A 134 -9.60 6.65 -5.93
CA MET A 134 -9.48 5.44 -5.14
C MET A 134 -10.79 5.08 -4.52
N PRO A 135 -11.17 3.89 -4.02
CA PRO A 135 -12.42 3.69 -3.26
C PRO A 135 -12.35 4.57 -2.01
N ALA A 136 -13.46 5.21 -1.63
CA ALA A 136 -13.47 6.01 -0.41
C ALA A 136 -13.07 5.25 0.85
N PRO A 137 -13.56 4.06 1.22
CA PRO A 137 -13.21 3.42 2.49
C PRO A 137 -11.75 3.21 2.76
N ILE A 138 -11.07 2.63 1.78
CA ILE A 138 -9.64 2.49 1.93
C ILE A 138 -8.98 3.87 1.96
N THR A 139 -9.43 4.87 1.20
CA THR A 139 -8.87 6.22 1.36
C THR A 139 -9.01 6.78 2.78
N TYR A 140 -10.15 6.54 3.44
CA TYR A 140 -10.43 7.16 4.71
C TYR A 140 -9.79 6.42 5.83
N ALA A 141 -9.79 5.10 5.73
CA ALA A 141 -9.08 4.29 6.69
C ALA A 141 -7.61 4.65 6.75
N HIS A 142 -6.93 4.66 5.60
CA HIS A 142 -5.56 5.15 5.56
C HIS A 142 -5.47 6.53 6.19
N ARG A 143 -6.35 7.48 5.82
CA ARG A 143 -6.31 8.83 6.39
C ARG A 143 -6.49 8.84 7.95
N LEU A 144 -7.29 7.96 8.57
CA LEU A 144 -7.36 7.95 10.00
C LEU A 144 -6.03 7.56 10.61
N VAL A 145 -5.44 6.48 10.08
CA VAL A 145 -4.19 5.99 10.65
C VAL A 145 -3.05 6.91 10.42
N GLN A 146 -3.05 7.59 9.27
CA GLN A 146 -2.03 8.63 9.02
C GLN A 146 -2.07 9.75 10.01
N ARG A 147 -3.32 10.10 10.33
CA ARG A 147 -3.55 11.21 11.18
C ARG A 147 -3.00 10.82 12.53
N GLN A 148 -3.26 9.58 12.93
CA GLN A 148 -2.80 9.16 14.21
C GLN A 148 -1.28 9.16 14.24
N ALA A 149 -0.54 8.70 13.25
CA ALA A 149 0.90 8.84 13.30
C ALA A 149 1.26 10.32 13.29
N GLU A 150 0.63 11.16 12.46
CA GLU A 150 0.89 12.60 12.40
C GLU A 150 0.81 13.24 13.78
N VAL A 151 -0.35 13.24 14.45
CA VAL A 151 -0.52 13.90 15.74
C VAL A 151 0.37 13.31 16.83
N ARG A 152 0.82 12.05 16.70
CA ARG A 152 1.69 11.41 17.67
C ARG A 152 3.06 12.03 17.59
N LYS A 153 3.47 12.07 16.34
CA LYS A 153 4.80 12.45 15.99
C LYS A 153 4.99 13.93 16.26
N ASN A 154 3.98 14.77 15.99
CA ASN A 154 4.12 16.22 16.19
C ASN A 154 3.68 16.79 17.55
N GLY A 155 3.84 16.02 18.64
CA GLY A 155 3.60 16.54 19.97
C GLY A 155 2.18 17.01 20.28
N THR A 156 1.24 17.09 19.36
CA THR A 156 -0.12 17.45 19.68
C THR A 156 -0.64 16.47 20.70
N LEU A 157 -0.57 15.19 20.36
CA LEU A 157 -1.18 14.20 21.18
C LEU A 157 -0.19 13.25 21.79
N PRO A 158 0.92 13.72 22.33
CA PRO A 158 2.09 12.91 22.57
C PRO A 158 1.91 11.80 23.63
N TRP A 159 0.74 11.64 24.23
CA TRP A 159 0.51 10.46 25.03
C TRP A 159 0.34 9.21 24.16
N LEU A 160 0.30 9.30 22.82
CA LEU A 160 -0.04 8.11 22.08
C LEU A 160 1.10 7.31 21.42
N ARG A 161 1.09 5.97 21.42
CA ARG A 161 2.28 5.20 21.10
C ARG A 161 2.19 4.67 19.66
N PRO A 162 3.05 3.96 18.92
CA PRO A 162 2.84 3.71 17.50
C PRO A 162 1.68 2.87 17.00
N ASP A 163 1.30 1.80 17.69
CA ASP A 163 0.49 0.79 17.05
C ASP A 163 -0.95 1.25 16.94
N ALA A 164 -1.71 1.04 15.87
CA ALA A 164 -3.08 1.56 15.71
C ALA A 164 -3.83 0.96 14.52
N LYS A 165 -5.14 0.76 14.62
CA LYS A 165 -5.90 0.24 13.50
C LYS A 165 -7.10 1.15 13.29
N SER A 166 -7.54 1.29 12.05
CA SER A 166 -8.75 2.03 11.78
C SER A 166 -9.59 1.17 10.88
N GLN A 167 -10.91 1.31 10.86
CA GLN A 167 -11.75 0.54 9.94
C GLN A 167 -12.96 1.42 9.70
N VAL A 168 -13.30 1.69 8.46
CA VAL A 168 -14.40 2.58 8.21
C VAL A 168 -15.37 1.82 7.34
N THR A 169 -16.64 1.97 7.68
CA THR A 169 -17.68 1.31 6.94
C THR A 169 -18.69 2.28 6.34
N PHE A 170 -18.79 2.22 5.02
CA PHE A 170 -19.48 3.24 4.27
C PHE A 170 -20.73 2.59 3.76
N GLN A 171 -21.81 3.37 3.72
CA GLN A 171 -23.07 2.99 3.14
C GLN A 171 -23.19 3.76 1.85
N TYR A 172 -23.63 3.03 0.86
CA TYR A 172 -23.74 3.53 -0.46
C TYR A 172 -25.18 3.22 -0.83
N ASP A 173 -25.78 4.12 -1.57
CA ASP A 173 -26.92 3.77 -2.38
C ASP A 173 -26.30 3.56 -3.75
N ASP A 174 -26.96 3.59 -4.90
CA ASP A 174 -26.35 2.99 -6.07
C ASP A 174 -25.09 3.69 -6.51
N GLY A 175 -24.01 2.99 -6.22
CA GLY A 175 -22.67 3.43 -6.56
C GLY A 175 -22.22 4.69 -5.80
N LYS A 176 -23.13 5.33 -5.06
CA LYS A 176 -22.91 6.66 -4.57
C LYS A 176 -22.91 6.49 -3.09
N ILE A 177 -21.73 6.83 -2.62
CA ILE A 177 -21.43 6.96 -1.21
C ILE A 177 -22.57 7.76 -0.62
N VAL A 178 -23.31 7.18 0.29
CA VAL A 178 -24.23 8.02 1.01
C VAL A 178 -23.62 8.63 2.25
N GLY A 179 -22.81 7.92 3.03
CA GLY A 179 -22.27 8.42 4.30
C GLY A 179 -21.65 7.26 5.08
N ILE A 180 -21.33 7.50 6.35
CA ILE A 180 -20.49 6.59 7.12
C ILE A 180 -21.26 5.97 8.28
N ASP A 181 -21.53 4.69 8.22
CA ASP A 181 -22.30 3.97 9.21
C ASP A 181 -21.43 3.76 10.45
N ALA A 182 -20.19 3.26 10.34
CA ALA A 182 -19.37 3.08 11.53
C ALA A 182 -17.93 3.41 11.31
N VAL A 183 -17.25 3.81 12.39
CA VAL A 183 -15.86 4.22 12.38
C VAL A 183 -15.22 3.52 13.56
N VAL A 184 -14.09 2.85 13.44
CA VAL A 184 -13.46 2.24 14.59
C VAL A 184 -11.98 2.64 14.59
N LEU A 185 -11.39 3.00 15.74
CA LEU A 185 -10.02 3.45 15.76
C LEU A 185 -9.41 2.98 17.07
N SER A 186 -8.19 2.46 17.15
CA SER A 186 -7.76 1.84 18.38
C SER A 186 -6.30 2.12 18.39
N THR A 187 -5.85 2.96 19.29
CA THR A 187 -4.51 3.49 19.23
C THR A 187 -3.87 2.97 20.49
N GLN A 188 -2.60 2.59 20.41
CA GLN A 188 -1.81 2.24 21.55
C GLN A 188 -1.55 3.57 22.26
N HIS A 189 -1.51 3.70 23.57
CA HIS A 189 -1.41 5.01 24.23
C HIS A 189 -0.60 4.78 25.48
N SER A 190 -0.07 5.81 26.17
CA SER A 190 0.71 5.61 27.40
C SER A 190 -0.20 5.31 28.57
N GLU A 191 0.41 4.82 29.64
CA GLU A 191 -0.28 4.42 30.85
C GLU A 191 -0.81 5.70 31.49
N GLU A 192 -0.25 6.86 31.09
CA GLU A 192 -0.53 8.16 31.64
C GLU A 192 -2.01 8.58 31.44
N ILE A 193 -2.43 8.88 30.21
CA ILE A 193 -3.82 9.14 29.79
C ILE A 193 -4.86 8.04 30.06
N ASP A 194 -6.10 8.34 30.46
CA ASP A 194 -7.08 7.28 30.47
C ASP A 194 -8.27 7.56 29.59
N GLN A 195 -9.19 6.63 29.54
CA GLN A 195 -9.83 6.29 28.32
C GLN A 195 -10.86 7.25 27.90
N LYS A 196 -11.63 7.86 28.80
CA LYS A 196 -12.58 8.83 28.32
C LYS A 196 -11.91 10.07 27.74
N SER A 197 -10.82 10.49 28.35
CA SER A 197 -10.06 11.66 27.93
C SER A 197 -9.41 11.40 26.56
N LEU A 198 -8.86 10.19 26.36
CA LEU A 198 -8.38 9.72 25.07
C LEU A 198 -9.48 9.78 24.03
N GLN A 199 -10.68 9.28 24.31
CA GLN A 199 -11.76 9.30 23.34
C GLN A 199 -12.12 10.67 22.82
N GLU A 200 -12.20 11.69 23.69
CA GLU A 200 -12.38 13.09 23.30
C GLU A 200 -11.26 13.47 22.36
N ALA A 201 -10.00 13.20 22.76
CA ALA A 201 -8.83 13.59 21.99
C ALA A 201 -8.85 13.01 20.59
N VAL A 202 -9.05 11.69 20.43
CA VAL A 202 -9.04 11.10 19.11
C VAL A 202 -10.23 11.62 18.33
N MET A 203 -11.37 11.87 18.97
CA MET A 203 -12.49 12.50 18.30
C MET A 203 -12.19 13.88 17.77
N GLU A 204 -11.48 14.67 18.57
CA GLU A 204 -11.19 16.04 18.22
C GLU A 204 -10.21 16.06 17.11
N GLU A 205 -9.14 15.32 17.38
CA GLU A 205 -7.88 15.45 16.70
C GLU A 205 -7.50 14.46 15.62
N ILE A 206 -8.16 13.31 15.61
CA ILE A 206 -7.90 12.33 14.57
C ILE A 206 -9.17 12.19 13.74
N ILE A 207 -10.35 11.89 14.32
CA ILE A 207 -11.57 11.63 13.58
C ILE A 207 -12.22 12.88 12.99
N LYS A 208 -12.71 13.85 13.77
CA LYS A 208 -13.41 15.01 13.22
C LYS A 208 -12.66 15.79 12.15
N PRO A 209 -11.32 15.92 12.16
CA PRO A 209 -10.60 16.60 11.11
C PRO A 209 -10.25 15.74 9.90
N ILE A 210 -10.67 14.47 9.79
CA ILE A 210 -10.33 13.66 8.64
C ILE A 210 -11.57 13.26 7.89
N LEU A 211 -12.64 12.92 8.60
CA LEU A 211 -13.83 12.40 7.97
C LEU A 211 -14.72 13.52 7.47
N PRO A 212 -15.33 13.37 6.29
CA PRO A 212 -16.26 14.36 5.76
C PRO A 212 -17.55 14.49 6.62
N ALA A 213 -17.88 15.70 7.08
CA ALA A 213 -18.92 15.91 8.09
C ALA A 213 -20.33 15.53 7.64
N GLU A 214 -20.56 15.73 6.37
CA GLU A 214 -21.79 15.46 5.67
C GLU A 214 -22.08 13.99 5.65
N TRP A 215 -20.99 13.23 5.67
CA TRP A 215 -21.07 11.80 5.84
C TRP A 215 -21.32 11.33 7.25
N LEU A 216 -20.97 12.09 8.28
CA LEU A 216 -21.16 11.62 9.64
C LEU A 216 -22.55 12.05 10.04
N THR A 217 -23.28 11.23 10.78
CA THR A 217 -24.57 11.67 11.25
C THR A 217 -24.67 11.38 12.73
N SER A 218 -25.91 11.64 13.10
CA SER A 218 -26.55 11.24 14.35
C SER A 218 -26.38 9.73 14.55
N ALA A 219 -26.31 9.02 13.43
CA ALA A 219 -26.26 7.57 13.40
C ALA A 219 -24.87 6.95 13.34
N THR A 220 -23.78 7.68 13.15
CA THR A 220 -22.52 7.00 12.93
C THR A 220 -21.99 6.26 14.17
N LYS A 221 -21.97 4.92 14.16
CA LYS A 221 -21.48 4.15 15.29
C LYS A 221 -19.97 4.31 15.39
N PHE A 222 -19.43 5.07 16.33
CA PHE A 222 -17.99 5.22 16.46
C PHE A 222 -17.48 4.29 17.55
N PHE A 223 -16.36 3.61 17.38
CA PHE A 223 -15.84 2.74 18.40
C PHE A 223 -14.38 3.10 18.50
N ILE A 224 -13.99 3.73 19.60
CA ILE A 224 -12.65 4.19 19.78
C ILE A 224 -12.02 3.39 20.91
N ASN A 225 -10.83 2.80 20.82
CA ASN A 225 -10.35 1.80 21.78
C ASN A 225 -11.44 0.98 22.45
N PRO A 226 -12.25 0.16 21.75
CA PRO A 226 -13.44 -0.46 22.29
C PRO A 226 -13.10 -1.31 23.48
N THR A 227 -11.96 -1.97 23.45
CA THR A 227 -11.55 -2.81 24.56
C THR A 227 -10.76 -2.07 25.64
N GLY A 228 -10.64 -0.76 25.50
CA GLY A 228 -9.89 0.03 26.45
C GLY A 228 -8.40 0.00 26.19
N ARG A 229 -7.69 -0.55 27.16
CA ARG A 229 -6.38 -0.04 27.49
C ARG A 229 -5.29 -0.71 26.66
N PHE A 230 -5.11 -0.07 25.53
CA PHE A 230 -4.09 -0.51 24.62
C PHE A 230 -2.77 0.20 24.92
N VAL A 231 -1.91 -0.49 25.64
CA VAL A 231 -0.76 0.18 26.20
C VAL A 231 0.59 -0.36 25.71
N ILE A 232 0.70 -1.68 25.51
CA ILE A 232 1.88 -2.32 24.93
C ILE A 232 1.38 -2.89 23.63
N GLY A 233 2.22 -2.76 22.64
CA GLY A 233 1.75 -3.07 21.32
C GLY A 233 2.98 -3.36 20.55
N GLY A 234 2.90 -3.10 19.26
CA GLY A 234 3.98 -3.39 18.36
C GLY A 234 4.33 -4.86 18.50
N PRO A 235 5.55 -5.27 18.18
CA PRO A 235 5.99 -6.65 18.28
C PRO A 235 5.71 -7.35 19.61
N MET A 236 5.53 -6.64 20.73
CA MET A 236 5.40 -7.24 22.04
C MET A 236 4.11 -8.04 22.04
N GLY A 237 4.29 -9.34 22.24
CA GLY A 237 3.20 -10.29 22.24
C GLY A 237 2.61 -10.58 20.86
N ASP A 238 3.11 -10.04 19.73
CA ASP A 238 2.50 -10.25 18.41
C ASP A 238 3.52 -10.74 17.34
N CYS A 239 3.31 -10.74 16.02
CA CYS A 239 4.27 -11.25 15.05
C CYS A 239 4.07 -10.41 13.78
N GLY A 240 5.02 -9.60 13.30
CA GLY A 240 4.90 -9.06 11.95
C GLY A 240 5.68 -9.88 10.95
N LEU A 241 5.15 -10.00 9.75
CA LEU A 241 5.83 -10.65 8.64
C LEU A 241 5.63 -9.84 7.36
N THR A 242 6.55 -9.64 6.42
CA THR A 242 6.18 -8.88 5.22
C THR A 242 5.12 -9.55 4.38
N GLY A 243 4.23 -8.79 3.79
CA GLY A 243 3.24 -9.38 2.92
C GLY A 243 1.96 -9.74 3.65
N ARG A 244 1.75 -9.38 4.93
CA ARG A 244 0.46 -9.68 5.56
C ARG A 244 -0.67 -8.70 5.44
N LYS A 245 -0.36 -7.41 5.52
CA LYS A 245 -1.33 -6.39 5.18
C LYS A 245 -1.45 -6.01 3.67
N ILE A 246 -1.29 -7.04 2.89
CA ILE A 246 -1.57 -7.10 1.45
C ILE A 246 -2.85 -6.42 0.95
N ILE A 247 -4.05 -6.64 1.48
CA ILE A 247 -5.21 -5.84 1.11
C ILE A 247 -5.13 -4.34 1.44
N VAL A 248 -4.74 -4.02 2.66
CA VAL A 248 -4.58 -2.62 3.05
C VAL A 248 -3.68 -1.86 2.13
N ASP A 249 -2.59 -2.49 1.76
CA ASP A 249 -1.76 -1.99 0.69
C ASP A 249 -2.44 -1.54 -0.59
N THR A 250 -3.29 -2.40 -1.10
CA THR A 250 -4.12 -2.19 -2.27
C THR A 250 -5.30 -1.19 -2.16
N TYR A 251 -6.52 -1.65 -1.89
CA TYR A 251 -7.75 -0.97 -2.21
C TYR A 251 -8.75 -1.53 -1.22
N GLY A 252 -8.30 -1.94 -0.05
CA GLY A 252 -9.17 -2.35 1.04
C GLY A 252 -10.26 -3.38 0.75
N GLY A 253 -10.13 -4.14 -0.31
CA GLY A 253 -11.09 -5.19 -0.49
C GLY A 253 -12.14 -4.78 -1.49
N MET A 254 -12.09 -3.56 -2.06
CA MET A 254 -13.04 -3.13 -3.11
C MET A 254 -12.82 -3.87 -4.44
N ALA A 255 -11.55 -4.00 -4.78
CA ALA A 255 -11.09 -4.67 -5.99
C ALA A 255 -10.27 -5.86 -5.56
N ARG A 256 -10.14 -6.71 -6.57
CA ARG A 256 -9.57 -8.00 -6.36
C ARG A 256 -8.06 -8.06 -6.10
N HIS A 257 -7.45 -9.25 -5.92
CA HIS A 257 -6.01 -9.31 -5.62
C HIS A 257 -5.44 -10.58 -6.21
N GLY A 258 -4.22 -10.54 -6.75
CA GLY A 258 -3.55 -11.79 -7.04
C GLY A 258 -2.86 -12.22 -5.78
N GLY A 259 -2.06 -13.27 -5.68
CA GLY A 259 -1.45 -13.61 -4.37
C GLY A 259 -0.62 -12.54 -3.66
N GLY A 260 -0.12 -11.54 -4.35
CA GLY A 260 1.27 -11.24 -4.20
C GLY A 260 1.61 -9.98 -3.42
N ALA A 261 2.72 -10.05 -2.73
CA ALA A 261 3.12 -8.93 -1.91
C ALA A 261 4.16 -8.14 -2.62
N PHE A 262 4.25 -6.91 -2.13
CA PHE A 262 5.13 -6.00 -2.77
C PHE A 262 6.44 -5.88 -2.05
N SER A 263 6.44 -5.52 -0.77
CA SER A 263 7.63 -5.12 -0.07
C SER A 263 8.74 -6.15 0.02
N GLY A 264 9.90 -5.55 -0.19
CA GLY A 264 11.15 -6.23 -0.22
C GLY A 264 11.39 -6.86 -1.58
N LYS A 265 10.59 -6.61 -2.61
CA LYS A 265 10.86 -7.12 -3.94
C LYS A 265 11.25 -5.92 -4.77
N ASP A 266 12.37 -6.08 -5.49
CA ASP A 266 12.77 -5.12 -6.50
C ASP A 266 11.86 -5.20 -7.73
N PRO A 267 11.77 -4.20 -8.58
CA PRO A 267 10.90 -4.17 -9.74
C PRO A 267 10.98 -5.22 -10.80
N SER A 268 12.02 -6.04 -10.91
CA SER A 268 11.99 -7.14 -11.86
C SER A 268 10.81 -8.08 -11.54
N LYS A 269 10.38 -7.98 -10.25
CA LYS A 269 9.29 -8.76 -9.71
C LYS A 269 7.96 -8.26 -10.22
N VAL A 270 7.33 -9.17 -10.99
CA VAL A 270 6.08 -8.79 -11.59
C VAL A 270 5.06 -8.53 -10.55
N ASP A 271 5.11 -9.31 -9.47
CA ASP A 271 4.14 -9.14 -8.39
C ASP A 271 4.04 -7.67 -7.98
N ARG A 272 5.14 -6.91 -7.94
CA ARG A 272 5.05 -5.50 -7.61
C ARG A 272 4.68 -4.66 -8.84
N SER A 273 5.56 -4.73 -9.84
CA SER A 273 5.53 -3.86 -11.01
C SER A 273 4.25 -3.90 -11.79
N ALA A 274 3.86 -5.13 -12.14
CA ALA A 274 2.69 -5.38 -12.93
C ALA A 274 1.53 -4.83 -12.17
N ALA A 275 1.46 -5.05 -10.86
CA ALA A 275 0.43 -4.37 -10.08
C ALA A 275 0.49 -2.84 -10.11
N TYR A 276 1.66 -2.22 -9.98
CA TYR A 276 1.75 -0.77 -10.17
C TYR A 276 1.32 -0.31 -11.56
N ALA A 277 1.59 -1.13 -12.57
CA ALA A 277 1.30 -0.73 -13.93
C ALA A 277 -0.20 -0.83 -14.14
N ALA A 278 -0.82 -1.87 -13.59
CA ALA A 278 -2.27 -1.99 -13.65
C ALA A 278 -2.89 -0.78 -12.96
N ARG A 279 -2.43 -0.29 -11.79
CA ARG A 279 -2.97 0.93 -11.19
C ARG A 279 -2.86 2.09 -12.15
N TYR A 280 -1.63 2.37 -12.57
CA TYR A 280 -1.46 3.19 -13.74
C TYR A 280 -2.42 2.95 -14.93
N VAL A 281 -2.69 1.78 -15.57
CA VAL A 281 -3.58 1.80 -16.74
C VAL A 281 -4.97 2.18 -16.27
N ALA A 282 -5.54 1.47 -15.29
CA ALA A 282 -6.89 1.75 -14.83
C ALA A 282 -7.06 3.22 -14.48
N LYS A 283 -6.13 3.87 -13.77
CA LYS A 283 -6.37 5.24 -13.41
C LYS A 283 -6.45 6.09 -14.67
N ASN A 284 -5.60 5.78 -15.66
CA ASN A 284 -5.60 6.61 -16.85
C ASN A 284 -6.89 6.39 -17.58
N ILE A 285 -7.36 5.14 -17.72
CA ILE A 285 -8.68 4.86 -18.30
C ILE A 285 -9.80 5.71 -17.70
N VAL A 286 -9.76 6.08 -16.41
CA VAL A 286 -10.84 6.80 -15.76
C VAL A 286 -10.62 8.27 -15.77
N ALA A 287 -9.39 8.76 -15.68
CA ALA A 287 -9.19 10.20 -15.72
C ALA A 287 -9.46 10.70 -17.13
N ALA A 288 -9.40 9.76 -18.07
CA ALA A 288 -9.77 10.03 -19.44
C ALA A 288 -11.28 10.04 -19.68
N GLY A 289 -12.12 9.73 -18.71
CA GLY A 289 -13.55 9.61 -18.97
C GLY A 289 -13.90 8.42 -19.86
N LEU A 290 -13.12 7.34 -19.84
CA LEU A 290 -13.54 6.15 -20.55
C LEU A 290 -14.50 5.32 -19.74
N ALA A 291 -14.49 5.36 -18.41
CA ALA A 291 -15.47 4.65 -17.61
C ALA A 291 -15.47 5.24 -16.22
N ASP A 292 -16.28 4.68 -15.30
CA ASP A 292 -16.37 5.23 -13.95
C ASP A 292 -15.56 4.47 -12.95
N ARG A 293 -15.54 3.17 -13.15
CA ARG A 293 -14.79 2.27 -12.31
C ARG A 293 -14.10 1.39 -13.33
N CYS A 294 -12.88 0.96 -13.12
CA CYS A 294 -12.23 0.04 -14.02
C CYS A 294 -11.37 -0.83 -13.13
N GLU A 295 -11.50 -2.14 -13.25
CA GLU A 295 -10.63 -3.08 -12.59
C GLU A 295 -9.94 -3.79 -13.74
N ILE A 296 -8.68 -4.21 -13.63
CA ILE A 296 -7.99 -4.89 -14.71
C ILE A 296 -7.12 -6.06 -14.24
N GLN A 297 -7.29 -7.29 -14.74
CA GLN A 297 -6.43 -8.41 -14.39
C GLN A 297 -5.28 -8.66 -15.41
N VAL A 298 -3.99 -8.61 -15.04
CA VAL A 298 -2.92 -8.98 -15.94
C VAL A 298 -2.41 -10.31 -15.44
N SER A 299 -1.82 -11.15 -16.28
CA SER A 299 -1.11 -12.31 -15.80
C SER A 299 0.13 -12.55 -16.61
N TYR A 300 0.99 -13.45 -16.17
CA TYR A 300 2.25 -13.65 -16.82
C TYR A 300 2.59 -15.11 -16.60
N ALA A 301 3.46 -15.63 -17.44
CA ALA A 301 3.90 -16.99 -17.27
C ALA A 301 5.40 -16.98 -17.41
N ILE A 302 6.09 -17.91 -16.77
CA ILE A 302 7.52 -17.79 -16.56
C ILE A 302 8.22 -17.95 -17.90
N GLY A 303 9.06 -16.99 -18.24
CA GLY A 303 9.80 -16.98 -19.49
C GLY A 303 9.05 -16.49 -20.74
N VAL A 304 7.75 -16.23 -20.69
CA VAL A 304 7.04 -15.58 -21.79
C VAL A 304 7.12 -14.11 -21.46
N ALA A 305 7.01 -13.21 -22.43
CA ALA A 305 7.23 -11.80 -22.19
C ALA A 305 5.95 -11.02 -22.25
N GLU A 306 5.14 -11.32 -23.24
CA GLU A 306 3.78 -10.86 -23.30
C GLU A 306 3.02 -11.42 -22.11
N PRO A 307 2.14 -10.66 -21.49
CA PRO A 307 1.14 -11.19 -20.56
C PRO A 307 0.36 -12.31 -21.22
N THR A 308 0.23 -13.42 -20.55
CA THR A 308 -0.72 -14.42 -20.94
C THR A 308 -2.16 -13.93 -20.93
N SER A 309 -2.60 -12.87 -20.22
CA SER A 309 -4.02 -12.54 -20.14
C SER A 309 -4.13 -11.05 -19.86
N ILE A 310 -5.18 -10.41 -20.39
CA ILE A 310 -5.59 -9.06 -20.01
C ILE A 310 -7.09 -9.18 -19.93
N MET A 311 -7.71 -8.73 -18.84
CA MET A 311 -9.16 -8.60 -18.78
C MET A 311 -9.41 -7.17 -18.36
N VAL A 312 -10.37 -6.45 -18.93
CA VAL A 312 -10.77 -5.19 -18.35
C VAL A 312 -12.23 -5.34 -17.98
N GLU A 313 -12.59 -4.71 -16.86
CA GLU A 313 -13.91 -4.75 -16.29
C GLU A 313 -14.25 -3.38 -15.81
N THR A 314 -15.11 -2.75 -16.58
CA THR A 314 -15.58 -1.43 -16.31
C THR A 314 -16.98 -1.86 -16.03
N PHE A 315 -17.50 -1.68 -14.84
CA PHE A 315 -18.63 -2.52 -14.46
C PHE A 315 -19.81 -1.73 -14.98
N GLY A 316 -20.19 -1.97 -16.24
CA GLY A 316 -21.28 -1.27 -16.92
C GLY A 316 -21.07 0.22 -17.00
N THR A 317 -19.85 0.73 -16.98
CA THR A 317 -19.59 2.14 -16.73
C THR A 317 -18.81 2.84 -17.83
N GLU A 318 -18.63 2.10 -18.90
CA GLU A 318 -17.86 2.49 -20.07
C GLU A 318 -18.57 3.61 -20.82
N LYS A 319 -17.81 4.39 -21.60
CA LYS A 319 -18.39 5.41 -22.43
C LYS A 319 -17.87 5.12 -23.83
N VAL A 320 -17.44 3.88 -24.13
CA VAL A 320 -16.84 3.38 -25.38
C VAL A 320 -17.01 1.88 -25.26
N PRO A 321 -17.26 1.01 -26.24
CA PRO A 321 -17.41 -0.40 -25.97
C PRO A 321 -16.06 -0.98 -25.63
N SER A 322 -16.15 -2.17 -25.05
CA SER A 322 -15.03 -2.69 -24.30
C SER A 322 -13.90 -3.25 -25.14
N GLU A 323 -14.19 -3.83 -26.31
CA GLU A 323 -13.16 -4.40 -27.16
C GLU A 323 -12.18 -3.31 -27.53
N GLN A 324 -12.76 -2.17 -27.91
CA GLN A 324 -12.07 -0.93 -28.12
C GLN A 324 -11.30 -0.56 -26.88
N LEU A 325 -11.85 -0.71 -25.68
CA LEU A 325 -11.03 -0.53 -24.49
C LEU A 325 -9.81 -1.41 -24.41
N THR A 326 -9.94 -2.72 -24.58
CA THR A 326 -8.79 -3.58 -24.35
C THR A 326 -7.75 -3.35 -25.43
N LEU A 327 -8.23 -3.07 -26.65
CA LEU A 327 -7.48 -2.49 -27.74
C LEU A 327 -6.54 -1.41 -27.27
N LEU A 328 -7.09 -0.30 -26.78
CA LEU A 328 -6.19 0.77 -26.48
C LEU A 328 -5.45 0.59 -25.16
N VAL A 329 -5.92 -0.33 -24.30
CA VAL A 329 -5.14 -0.84 -23.17
C VAL A 329 -3.84 -1.28 -23.78
N ARG A 330 -3.88 -2.26 -24.69
CA ARG A 330 -2.67 -2.56 -25.41
C ARG A 330 -2.01 -1.42 -26.18
N GLU A 331 -2.61 -0.52 -27.01
CA GLU A 331 -1.78 0.49 -27.67
C GLU A 331 -1.09 1.40 -26.68
N PHE A 332 -1.63 1.86 -25.54
CA PHE A 332 -0.89 2.88 -24.81
C PHE A 332 0.09 2.40 -23.76
N PHE A 333 0.22 1.07 -23.59
CA PHE A 333 0.93 0.52 -22.46
C PHE A 333 1.82 -0.66 -22.82
N ASP A 334 3.08 -0.56 -22.39
CA ASP A 334 3.99 -1.67 -22.56
C ASP A 334 3.88 -2.50 -21.31
N LEU A 335 3.11 -3.58 -21.45
CA LEU A 335 2.90 -4.40 -20.28
C LEU A 335 3.90 -5.52 -20.15
N ARG A 336 4.96 -5.56 -20.94
CA ARG A 336 5.93 -6.64 -20.80
C ARG A 336 6.80 -6.33 -19.60
N PRO A 337 7.41 -7.30 -18.92
CA PRO A 337 8.12 -7.11 -17.68
C PRO A 337 9.07 -5.96 -17.81
N TYR A 338 9.91 -5.91 -18.84
CA TYR A 338 10.82 -4.78 -18.90
C TYR A 338 10.19 -3.51 -19.37
N GLY A 339 9.07 -3.65 -20.04
CA GLY A 339 8.32 -2.50 -20.52
C GLY A 339 7.75 -1.70 -19.34
N LEU A 340 7.06 -2.36 -18.40
CA LEU A 340 6.51 -1.80 -17.17
C LEU A 340 7.56 -0.96 -16.50
N ILE A 341 8.75 -1.57 -16.40
CA ILE A 341 9.83 -0.96 -15.67
C ILE A 341 10.30 0.30 -16.37
N GLN A 342 10.11 0.33 -17.70
CA GLN A 342 10.43 1.48 -18.54
C GLN A 342 9.38 2.56 -18.40
N MET A 343 8.13 2.20 -18.72
CA MET A 343 6.96 3.06 -18.64
C MET A 343 6.80 3.76 -17.31
N LEU A 344 7.18 3.11 -16.21
CA LEU A 344 7.04 3.72 -14.91
C LEU A 344 8.33 4.19 -14.26
N ASP A 345 9.50 3.97 -14.84
CA ASP A 345 10.76 4.44 -14.29
C ASP A 345 10.99 4.11 -12.84
N LEU A 346 11.24 2.82 -12.68
CA LEU A 346 11.19 2.24 -11.36
C LEU A 346 12.51 2.08 -10.68
N LEU A 347 13.64 2.22 -11.39
CA LEU A 347 14.85 1.78 -10.78
C LEU A 347 15.40 2.95 -10.04
N HIS A 348 14.78 3.19 -8.89
CA HIS A 348 15.17 4.25 -8.02
C HIS A 348 14.74 3.79 -6.65
N PRO A 349 15.40 4.32 -5.63
CA PRO A 349 15.03 4.17 -4.23
C PRO A 349 13.81 4.97 -3.85
N ILE A 350 12.64 4.56 -4.30
CA ILE A 350 11.38 5.27 -4.02
C ILE A 350 10.50 4.49 -3.07
N TYR A 351 10.90 3.27 -2.69
CA TYR A 351 9.98 2.27 -2.23
C TYR A 351 9.66 2.32 -0.75
N LYS A 352 10.44 2.73 0.27
CA LYS A 352 10.01 2.72 1.67
C LYS A 352 8.75 3.50 1.92
N GLU A 353 8.56 4.60 1.18
CA GLU A 353 7.37 5.40 1.40
C GLU A 353 6.14 4.58 1.08
N THR A 354 6.23 3.70 0.12
CA THR A 354 5.15 2.79 -0.18
C THR A 354 4.69 1.92 1.00
N ALA A 355 5.58 1.67 1.96
CA ALA A 355 5.43 0.52 2.83
C ALA A 355 4.40 0.73 3.91
N ALA A 356 4.07 1.98 4.18
CA ALA A 356 2.96 2.17 5.08
C ALA A 356 1.75 2.54 4.25
N TYR A 357 1.27 3.79 4.28
CA TYR A 357 -0.15 4.05 4.20
C TYR A 357 -0.88 3.84 2.87
N GLY A 358 -0.74 2.75 2.13
CA GLY A 358 -1.29 2.65 0.80
C GLY A 358 -0.15 2.88 -0.16
N HIS A 359 -0.11 1.88 -1.00
CA HIS A 359 0.75 2.00 -2.14
C HIS A 359 0.13 2.90 -3.17
N PHE A 360 -1.18 2.88 -3.22
CA PHE A 360 -1.90 3.66 -4.18
C PHE A 360 -2.76 4.77 -3.59
N GLY A 361 -3.18 5.65 -4.47
CA GLY A 361 -4.01 6.77 -4.10
C GLY A 361 -3.15 7.93 -3.69
N ARG A 362 -1.85 7.87 -3.89
CA ARG A 362 -1.00 8.79 -3.21
C ARG A 362 -0.09 9.53 -4.18
N GLU A 363 -0.50 9.73 -5.42
CA GLU A 363 -0.12 10.91 -6.21
C GLU A 363 1.30 11.44 -6.42
N HIS A 364 2.40 10.92 -5.88
CA HIS A 364 3.71 11.31 -6.35
C HIS A 364 4.53 10.08 -6.63
N PHE A 365 3.80 9.00 -6.78
CA PHE A 365 4.42 7.78 -7.18
C PHE A 365 4.20 7.79 -8.67
N PRO A 366 5.16 7.24 -9.39
CA PRO A 366 5.13 7.08 -10.83
C PRO A 366 3.87 6.44 -11.39
N TRP A 367 3.19 5.52 -10.69
CA TRP A 367 2.02 4.84 -11.20
C TRP A 367 0.72 5.62 -11.02
N GLU A 368 0.73 6.71 -10.24
CA GLU A 368 -0.44 7.51 -9.95
C GLU A 368 -0.65 8.67 -10.92
N LYS A 369 0.34 8.97 -11.75
CA LYS A 369 0.26 10.14 -12.58
C LYS A 369 -0.61 9.79 -13.76
N THR A 370 -1.42 10.75 -14.21
CA THR A 370 -2.38 10.55 -15.28
C THR A 370 -1.96 11.10 -16.62
N ASP A 371 -0.67 11.04 -16.86
CA ASP A 371 -0.07 11.58 -18.03
C ASP A 371 -0.59 10.95 -19.33
N LYS A 372 -1.10 9.72 -19.38
CA LYS A 372 -1.63 9.19 -20.63
C LYS A 372 -3.09 9.56 -20.83
N ALA A 373 -3.62 10.44 -19.97
CA ALA A 373 -5.04 10.80 -19.94
C ALA A 373 -5.65 11.11 -21.29
N GLN A 374 -5.10 12.18 -21.88
CA GLN A 374 -5.69 12.70 -23.09
C GLN A 374 -5.51 11.74 -24.25
N LEU A 375 -4.30 11.25 -24.52
CA LEU A 375 -4.09 10.36 -25.64
C LEU A 375 -5.10 9.23 -25.62
N LEU A 376 -5.42 8.70 -24.42
CA LEU A 376 -6.43 7.67 -24.32
C LEU A 376 -7.78 8.18 -24.73
N ARG A 377 -8.14 9.37 -24.29
CA ARG A 377 -9.38 9.97 -24.69
C ARG A 377 -9.50 10.05 -26.21
N ASP A 378 -8.52 10.70 -26.84
CA ASP A 378 -8.65 10.94 -28.25
C ASP A 378 -8.08 9.90 -29.17
N ALA A 379 -7.89 8.72 -28.63
CA ALA A 379 -7.89 7.55 -29.47
C ALA A 379 -9.14 6.74 -29.18
N ALA A 380 -9.87 7.07 -28.11
CA ALA A 380 -11.06 6.33 -27.73
C ALA A 380 -12.15 6.97 -28.56
N GLY A 381 -12.05 6.62 -29.83
CA GLY A 381 -12.51 7.51 -30.87
C GLY A 381 -11.82 8.84 -30.64
N LEU A 382 -12.55 9.94 -30.72
CA LEU A 382 -12.05 11.28 -30.42
C LEU A 382 -13.19 11.85 -29.60
N LYS A 383 -12.96 12.36 -28.40
CA LYS A 383 -14.06 12.79 -27.57
C LYS A 383 -13.54 13.55 -26.35
#